data_2Y6L
#
_entry.id   2Y6L
#
_cell.length_a   48.900
_cell.length_b   49.480
_cell.length_c   62.490
_cell.angle_alpha   90.00
_cell.angle_beta   90.00
_cell.angle_gamma   90.00
#
_symmetry.space_group_name_H-M   'P 21 21 21'
#
loop_
_entity.id
_entity.type
_entity.pdbx_description
1 polymer XYLANASE
2 branched beta-D-xylopyranose-(1-4)-beta-D-xylopyranose-(1-4)-beta-D-xylopyranose-(1-4)-beta-D-xylopyranose-(1-4)-beta-D-xylopyranose
3 non-polymer 'CALCIUM ION'
4 water water
#
_entity_poly.entity_id   1
_entity_poly.type   'polypeptide(L)'
_entity_poly.pdbx_seq_one_letter_code
;MLVANINGGFESTPAGVVTDLAEGVEGWDLNVGSSVTNPPVFEVLETSDAPEGNKVLAVTVNGVGNNPFNIQATALPVNV
RPGVTYTYTIRARAEQDGAVVSFTVGNQSLDEYGRLHHQQITTEWQPFTFEFTVSDQETVIRAPIHFGYAANVGNTIYID
GLAIVDL
;
_entity_poly.pdbx_strand_id   A
#
# COMPACT_ATOMS: atom_id res chain seq x y z
N MET A 1 0.21 -15.05 13.85
CA MET A 1 -0.46 -13.78 13.82
C MET A 1 -1.81 -13.95 13.12
N LEU A 2 -2.71 -13.12 13.60
CA LEU A 2 -4.05 -13.00 13.02
C LEU A 2 -4.07 -11.65 12.33
N VAL A 3 -4.13 -11.62 11.02
CA VAL A 3 -4.16 -10.39 10.26
C VAL A 3 -5.41 -10.45 9.39
N ALA A 4 -5.90 -9.24 9.17
CA ALA A 4 -7.11 -9.08 8.37
C ALA A 4 -6.89 -9.12 6.87
N ASN A 5 -5.71 -8.74 6.45
CA ASN A 5 -5.35 -8.62 5.05
C ASN A 5 -4.61 -9.85 4.58
N ILE A 6 -4.45 -9.95 3.25
CA ILE A 6 -3.86 -11.12 2.61
C ILE A 6 -2.58 -10.76 1.91
N ASN A 7 -1.54 -11.58 2.02
CA ASN A 7 -0.30 -11.34 1.29
C ASN A 7 0.25 -9.93 1.58
N GLY A 8 0.22 -9.55 2.86
CA GLY A 8 0.65 -8.24 3.30
C GLY A 8 2.11 -7.96 3.06
N GLY A 9 2.92 -9.00 2.84
CA GLY A 9 4.36 -8.87 2.58
C GLY A 9 4.80 -9.26 1.20
N PHE A 10 3.84 -9.46 0.31
CA PHE A 10 4.07 -9.79 -1.09
C PHE A 10 4.74 -11.15 -1.30
N GLU A 11 4.81 -11.98 -0.27
CA GLU A 11 5.56 -13.20 -0.38
C GLU A 11 4.88 -14.22 -1.27
N SER A 12 3.59 -14.08 -1.56
CA SER A 12 2.85 -14.96 -2.42
CA SER A 12 3.02 -15.10 -2.43
C SER A 12 3.14 -14.76 -3.91
N THR A 13 3.71 -13.60 -4.20
CA THR A 13 3.78 -13.14 -5.58
C THR A 13 5.15 -13.35 -6.19
N PRO A 14 5.20 -13.90 -7.41
CA PRO A 14 6.49 -14.04 -8.08
C PRO A 14 7.18 -12.70 -8.25
N ALA A 15 8.50 -12.67 -8.13
CA ALA A 15 9.26 -11.48 -8.42
C ALA A 15 9.06 -11.10 -9.87
N GLY A 16 8.98 -9.80 -10.09
CA GLY A 16 8.92 -9.23 -11.40
C GLY A 16 8.00 -8.04 -11.48
N VAL A 17 8.00 -7.34 -12.61
CA VAL A 17 7.11 -6.23 -12.84
C VAL A 17 5.68 -6.77 -12.90
N VAL A 18 4.79 -6.02 -12.26
CA VAL A 18 3.39 -6.34 -12.27
C VAL A 18 2.73 -5.60 -13.42
N THR A 19 2.20 -6.38 -14.32
CA THR A 19 1.43 -5.77 -15.42
C THR A 19 -0.06 -5.98 -15.29
N ASP A 20 -0.48 -7.02 -14.57
CA ASP A 20 -1.89 -7.27 -14.31
C ASP A 20 -2.18 -6.55 -12.99
N LEU A 21 -2.59 -5.31 -13.09
CA LEU A 21 -2.71 -4.49 -11.87
C LEU A 21 -3.79 -5.00 -10.95
N ALA A 22 -4.91 -5.43 -11.52
CA ALA A 22 -6.05 -5.83 -10.70
C ALA A 22 -5.89 -7.16 -10.00
N GLU A 23 -5.23 -8.08 -10.72
CA GLU A 23 -5.18 -9.44 -10.24
C GLU A 23 -3.79 -10.05 -10.17
N GLY A 24 -2.74 -9.29 -10.51
CA GLY A 24 -1.37 -9.80 -10.54
C GLY A 24 -0.76 -10.03 -9.18
N VAL A 25 -1.28 -9.39 -8.16
CA VAL A 25 -0.79 -9.53 -6.79
C VAL A 25 -1.93 -10.00 -5.86
N GLU A 26 -1.87 -11.22 -5.36
CA GLU A 26 -2.86 -11.74 -4.45
C GLU A 26 -3.03 -10.76 -3.29
N GLY A 27 -4.26 -10.49 -2.90
CA GLY A 27 -4.57 -9.64 -1.79
C GLY A 27 -4.46 -8.16 -2.02
N TRP A 28 -4.19 -7.75 -3.23
CA TRP A 28 -4.02 -6.34 -3.58
C TRP A 28 -4.68 -6.05 -4.92
N ASP A 29 -5.08 -4.80 -5.06
CA ASP A 29 -5.50 -4.20 -6.30
CA ASP A 29 -5.47 -4.22 -6.33
C ASP A 29 -4.64 -2.96 -6.55
N LEU A 30 -3.94 -2.94 -7.68
CA LEU A 30 -3.14 -1.73 -7.99
CA LEU A 30 -3.10 -1.81 -8.07
C LEU A 30 -3.90 -0.97 -9.05
N ASN A 31 -3.71 0.33 -9.04
CA ASN A 31 -4.47 1.22 -9.91
C ASN A 31 -3.62 2.41 -10.35
N VAL A 32 -3.74 2.69 -11.64
CA VAL A 32 -3.11 3.82 -12.30
C VAL A 32 -4.19 4.53 -13.13
N GLY A 33 -4.46 5.77 -12.82
CA GLY A 33 -5.37 6.59 -13.58
C GLY A 33 -4.83 7.04 -14.92
N SER A 34 -5.73 7.29 -15.87
CA SER A 34 -5.31 7.70 -17.20
C SER A 34 -4.65 9.07 -17.25
N SER A 35 -4.75 9.90 -16.23
CA SER A 35 -4.06 11.19 -16.24
CA SER A 35 -4.05 11.18 -16.25
C SER A 35 -2.55 10.98 -16.04
N VAL A 36 -2.12 9.78 -15.63
CA VAL A 36 -0.69 9.52 -15.47
C VAL A 36 -0.15 9.02 -16.80
N THR A 37 0.46 9.87 -17.56
CA THR A 37 0.86 9.56 -18.93
C THR A 37 2.15 8.76 -19.01
N ASN A 38 2.93 8.82 -17.93
CA ASN A 38 4.13 7.97 -17.87
C ASN A 38 3.92 7.04 -16.69
N PRO A 39 3.32 5.88 -16.91
CA PRO A 39 2.81 5.06 -15.81
CA PRO A 39 2.81 5.10 -15.77
C PRO A 39 3.96 4.62 -14.91
N PRO A 40 3.63 4.46 -13.66
CA PRO A 40 4.61 3.96 -12.71
C PRO A 40 4.95 2.51 -13.02
N VAL A 41 6.03 2.08 -12.38
CA VAL A 41 6.44 0.68 -12.49
C VAL A 41 6.19 0.06 -11.10
N PHE A 42 5.30 -0.91 -11.04
CA PHE A 42 5.07 -1.70 -9.83
C PHE A 42 5.88 -2.98 -9.99
N GLU A 43 6.72 -3.30 -9.04
CA GLU A 43 7.52 -4.53 -9.18
CA GLU A 43 7.54 -4.50 -9.16
C GLU A 43 7.64 -5.19 -7.82
N VAL A 44 7.47 -6.51 -7.79
CA VAL A 44 7.76 -7.27 -6.61
C VAL A 44 9.23 -7.68 -6.75
N LEU A 45 9.99 -7.26 -5.75
CA LEU A 45 11.44 -7.39 -5.76
CA LEU A 45 11.44 -7.40 -5.77
C LEU A 45 11.88 -8.37 -4.68
N GLU A 46 12.72 -9.35 -5.03
CA GLU A 46 13.35 -10.20 -4.01
C GLU A 46 14.62 -9.45 -3.62
N THR A 47 14.75 -9.19 -2.34
CA THR A 47 15.85 -8.36 -1.86
C THR A 47 16.20 -8.75 -0.44
N SER A 48 17.49 -8.72 -0.11
CA SER A 48 17.97 -9.13 1.21
CA SER A 48 17.86 -9.19 1.23
C SER A 48 17.54 -8.12 2.26
N ASP A 49 17.13 -6.96 1.76
N ASP A 49 17.14 -6.92 1.84
CA ASP A 49 16.70 -5.83 2.55
CA ASP A 49 16.73 -6.05 2.95
C ASP A 49 15.24 -5.91 2.95
C ASP A 49 15.22 -5.87 2.93
N ALA A 50 14.50 -6.90 2.48
CA ALA A 50 13.08 -6.91 2.80
C ALA A 50 12.87 -6.97 4.31
N PRO A 51 12.02 -6.10 4.86
CA PRO A 51 11.73 -6.24 6.30
C PRO A 51 10.97 -7.49 6.72
N GLU A 52 10.23 -8.05 5.78
CA GLU A 52 9.42 -9.24 6.00
C GLU A 52 9.60 -10.21 4.84
N GLY A 53 9.95 -11.47 5.10
CA GLY A 53 10.24 -12.41 4.04
C GLY A 53 11.38 -11.97 3.15
N ASN A 54 11.18 -12.28 1.87
CA ASN A 54 12.20 -12.13 0.87
C ASN A 54 11.83 -11.04 -0.12
N LYS A 55 10.61 -10.52 -0.09
CA LYS A 55 10.18 -9.61 -1.11
C LYS A 55 9.53 -8.36 -0.58
N VAL A 56 9.59 -7.33 -1.41
CA VAL A 56 8.91 -6.06 -1.19
C VAL A 56 8.20 -5.66 -2.49
N LEU A 57 7.28 -4.68 -2.37
CA LEU A 57 6.70 -4.03 -3.52
C LEU A 57 7.40 -2.68 -3.71
N ALA A 58 7.90 -2.47 -4.91
CA ALA A 58 8.52 -1.22 -5.35
C ALA A 58 7.55 -0.51 -6.31
N VAL A 59 7.42 0.76 -6.05
CA VAL A 59 6.58 1.61 -6.87
C VAL A 59 7.47 2.74 -7.39
N THR A 60 7.85 2.66 -8.66
CA THR A 60 8.64 3.73 -9.27
C THR A 60 7.71 4.73 -9.91
N VAL A 61 7.78 5.97 -9.42
CA VAL A 61 6.92 7.05 -9.86
C VAL A 61 7.71 7.89 -10.87
N ASN A 62 7.36 7.81 -12.15
N ASN A 62 7.32 7.75 -12.13
CA ASN A 62 8.09 8.59 -13.14
CA ASN A 62 7.92 8.52 -13.22
C ASN A 62 7.25 9.74 -13.64
C ASN A 62 7.06 9.75 -13.42
N GLY A 63 6.13 9.98 -12.95
N GLY A 63 5.86 9.62 -13.97
CA GLY A 63 5.21 11.03 -13.23
CA GLY A 63 4.93 10.75 -13.94
C GLY A 63 3.89 10.72 -12.58
C GLY A 63 3.89 10.71 -12.84
N VAL A 64 3.09 11.78 -12.65
CA VAL A 64 1.90 11.82 -11.81
C VAL A 64 0.73 12.31 -12.64
N GLY A 65 -0.42 12.33 -12.02
CA GLY A 65 -1.70 12.68 -12.63
C GLY A 65 -2.22 13.96 -12.02
N ASN A 66 -3.47 13.91 -11.58
CA ASN A 66 -4.15 15.06 -11.06
C ASN A 66 -4.43 15.00 -9.57
N ASN A 67 -4.44 13.77 -9.03
CA ASN A 67 -4.73 13.53 -7.62
C ASN A 67 -3.86 12.42 -7.09
N PRO A 68 -3.51 12.41 -5.81
CA PRO A 68 -2.58 11.40 -5.32
C PRO A 68 -3.12 9.96 -5.47
N PHE A 69 -4.44 9.75 -5.49
CA PHE A 69 -4.99 8.40 -5.66
C PHE A 69 -4.92 7.90 -7.09
N ASN A 70 -4.39 8.70 -8.02
CA ASN A 70 -4.21 8.23 -9.40
C ASN A 70 -3.07 7.20 -9.48
N ILE A 71 -2.27 7.01 -8.45
CA ILE A 71 -1.38 5.86 -8.36
C ILE A 71 -1.66 5.24 -6.99
N GLN A 72 -2.16 4.02 -6.95
N GLN A 72 -2.18 4.02 -6.98
CA GLN A 72 -2.44 3.48 -5.62
CA GLN A 72 -2.53 3.37 -5.72
C GLN A 72 -2.27 1.97 -5.62
C GLN A 72 -2.09 1.91 -5.69
N ALA A 73 -1.93 1.45 -4.45
CA ALA A 73 -1.89 0.02 -4.17
C ALA A 73 -2.88 -0.18 -3.02
N THR A 74 -3.89 -1.02 -3.20
CA THR A 74 -4.93 -1.20 -2.21
C THR A 74 -4.99 -2.65 -1.76
N ALA A 75 -4.89 -2.87 -0.45
CA ALA A 75 -5.06 -4.23 0.06
C ALA A 75 -6.57 -4.55 0.05
N LEU A 76 -6.91 -5.67 -0.53
CA LEU A 76 -8.30 -6.12 -0.64
CA LEU A 76 -8.28 -6.14 -0.48
C LEU A 76 -8.29 -7.60 -0.91
N PRO A 77 -9.16 -8.40 -0.29
CA PRO A 77 -10.06 -8.01 0.78
C PRO A 77 -9.34 -7.87 2.11
N VAL A 78 -9.92 -7.07 2.97
CA VAL A 78 -9.49 -6.91 4.34
C VAL A 78 -10.68 -7.31 5.19
N ASN A 79 -10.55 -8.45 5.87
CA ASN A 79 -11.67 -9.06 6.60
C ASN A 79 -11.72 -8.57 8.03
N VAL A 80 -12.84 -7.91 8.38
CA VAL A 80 -13.00 -7.21 9.64
C VAL A 80 -14.38 -7.51 10.22
N ARG A 81 -14.61 -6.95 11.40
CA ARG A 81 -15.89 -7.05 12.10
CA ARG A 81 -15.89 -7.05 12.09
C ARG A 81 -16.41 -5.67 12.43
N PRO A 82 -17.70 -5.45 12.25
CA PRO A 82 -18.26 -4.13 12.59
C PRO A 82 -17.95 -3.75 14.03
N GLY A 83 -17.59 -2.50 14.24
CA GLY A 83 -17.40 -1.94 15.56
C GLY A 83 -16.06 -2.19 16.16
N VAL A 84 -15.25 -3.01 15.51
CA VAL A 84 -13.94 -3.36 16.07
C VAL A 84 -12.87 -2.34 15.68
N THR A 85 -11.92 -2.08 16.57
CA THR A 85 -10.80 -1.19 16.35
C THR A 85 -9.58 -2.03 15.97
N TYR A 86 -8.90 -1.62 14.91
CA TYR A 86 -7.74 -2.29 14.36
C TYR A 86 -6.51 -1.41 14.44
N THR A 87 -5.37 -2.06 14.52
CA THR A 87 -4.11 -1.40 14.29
CA THR A 87 -4.10 -1.39 14.30
C THR A 87 -3.62 -1.73 12.89
N TYR A 88 -3.25 -0.69 12.18
CA TYR A 88 -2.63 -0.80 10.87
C TYR A 88 -1.14 -0.54 11.09
N THR A 89 -0.30 -1.40 10.54
CA THR A 89 1.13 -1.16 10.49
C THR A 89 1.65 -1.55 9.11
N ILE A 90 2.57 -0.76 8.58
CA ILE A 90 3.27 -1.11 7.36
C ILE A 90 4.70 -0.53 7.45
N ARG A 91 5.60 -1.08 6.65
CA ARG A 91 6.95 -0.56 6.56
C ARG A 91 7.11 0.12 5.20
N ALA A 92 7.87 1.21 5.19
CA ALA A 92 8.09 1.90 3.92
C ALA A 92 9.44 2.62 3.95
N ARG A 93 10.00 2.73 2.76
CA ARG A 93 11.22 3.55 2.53
C ARG A 93 11.21 3.99 1.07
N ALA A 94 12.14 4.85 0.73
CA ALA A 94 12.25 5.33 -0.63
C ALA A 94 13.69 5.35 -1.09
N GLU A 95 13.81 5.36 -2.45
CA GLU A 95 15.13 5.35 -3.08
C GLU A 95 15.90 6.67 -2.86
N GLN A 96 15.15 7.76 -2.82
N GLN A 96 15.18 7.77 -2.74
CA GLN A 96 15.67 9.11 -2.72
CA GLN A 96 15.85 9.00 -2.37
C GLN A 96 14.92 9.87 -1.63
C GLN A 96 14.93 9.80 -1.47
N ASP A 97 15.49 10.92 -1.04
CA ASP A 97 14.81 11.77 -0.11
C ASP A 97 13.56 12.37 -0.73
N GLY A 98 12.61 12.71 0.13
CA GLY A 98 11.48 13.52 -0.22
C GLY A 98 10.18 12.87 -0.61
N ALA A 99 10.00 11.59 -0.40
CA ALA A 99 8.79 10.94 -0.80
C ALA A 99 7.69 11.19 0.23
N VAL A 100 6.46 11.16 -0.28
CA VAL A 100 5.22 11.40 0.41
C VAL A 100 4.24 10.29 0.09
N VAL A 101 3.61 9.70 1.08
CA VAL A 101 2.61 8.64 0.89
C VAL A 101 1.50 8.81 1.89
N SER A 102 0.26 8.52 1.50
CA SER A 102 -0.87 8.46 2.42
C SER A 102 -1.35 6.99 2.50
N PHE A 103 -1.47 6.54 3.73
CA PHE A 103 -1.90 5.17 4.01
C PHE A 103 -3.33 5.22 4.54
N THR A 104 -4.29 4.65 3.82
CA THR A 104 -5.68 4.84 4.15
C THR A 104 -6.41 3.50 4.28
N VAL A 105 -7.57 3.55 4.92
CA VAL A 105 -8.43 2.38 4.99
CA VAL A 105 -8.43 2.39 5.06
C VAL A 105 -9.86 2.87 4.84
N GLY A 106 -10.64 2.14 4.06
CA GLY A 106 -12.02 2.55 3.82
C GLY A 106 -12.82 1.32 3.40
N ASN A 107 -14.10 1.58 3.14
CA ASN A 107 -15.01 0.50 2.72
C ASN A 107 -15.18 0.41 1.20
N GLN A 108 -15.96 -0.57 0.78
CA GLN A 108 -16.13 -0.78 -0.66
C GLN A 108 -16.98 0.29 -1.32
N SER A 109 -17.71 1.05 -0.51
CA SER A 109 -18.41 2.23 -1.00
C SER A 109 -17.54 3.47 -1.02
N LEU A 110 -16.27 3.32 -0.68
CA LEU A 110 -15.21 4.34 -0.73
C LEU A 110 -15.26 5.32 0.41
N ASP A 111 -16.09 5.00 1.41
CA ASP A 111 -15.99 5.80 2.61
C ASP A 111 -14.72 5.46 3.37
N GLU A 112 -13.99 6.49 3.77
CA GLU A 112 -12.69 6.36 4.42
C GLU A 112 -12.86 6.32 5.93
N TYR A 113 -12.38 5.28 6.59
CA TYR A 113 -12.42 5.20 8.03
C TYR A 113 -11.30 5.98 8.70
N GLY A 114 -10.13 6.04 8.12
CA GLY A 114 -9.00 6.71 8.71
C GLY A 114 -7.81 6.66 7.79
N ARG A 115 -6.79 7.45 8.10
CA ARG A 115 -5.57 7.42 7.34
C ARG A 115 -4.42 8.02 8.15
N LEU A 116 -3.22 7.74 7.65
CA LEU A 116 -2.02 8.52 7.84
C LEU A 116 -1.83 9.40 6.61
N HIS A 117 -1.84 10.71 6.83
CA HIS A 117 -1.88 11.67 5.76
C HIS A 117 -0.51 12.26 5.54
N HIS A 118 0.03 12.33 4.42
CA HIS A 118 1.16 12.89 3.76
C HIS A 118 2.36 12.51 4.62
N GLN A 119 2.47 11.18 4.78
CA GLN A 119 3.61 10.69 5.54
C GLN A 119 4.92 10.94 4.82
N GLN A 120 5.91 11.25 5.63
CA GLN A 120 7.25 11.61 5.14
C GLN A 120 8.09 10.35 5.06
N ILE A 121 8.31 9.85 3.83
CA ILE A 121 9.02 8.57 3.67
C ILE A 121 10.48 8.93 3.51
N THR A 122 11.34 8.19 4.21
CA THR A 122 12.77 8.44 4.12
C THR A 122 13.49 7.29 3.42
N THR A 123 14.80 7.42 3.29
CA THR A 123 15.58 6.36 2.60
C THR A 123 15.81 5.13 3.46
N GLU A 124 15.49 5.13 4.71
CA GLU A 124 15.55 4.04 5.65
C GLU A 124 14.18 3.46 5.98
N TRP A 125 14.09 2.14 6.17
CA TRP A 125 12.83 1.53 6.54
C TRP A 125 12.32 2.13 7.84
N GLN A 126 11.04 2.45 7.88
CA GLN A 126 10.38 2.89 9.08
C GLN A 126 8.98 2.25 9.14
N PRO A 127 8.47 2.01 10.32
CA PRO A 127 7.08 1.59 10.43
C PRO A 127 6.18 2.83 10.46
N PHE A 128 5.00 2.66 9.88
CA PHE A 128 3.94 3.67 9.86
C PHE A 128 2.71 2.98 10.42
N THR A 129 2.12 3.51 11.50
CA THR A 129 1.04 2.83 12.17
CA THR A 129 1.08 2.84 12.23
C THR A 129 -0.04 3.81 12.62
N PHE A 130 -1.27 3.33 12.59
CA PHE A 130 -2.41 4.08 13.10
C PHE A 130 -3.51 3.09 13.50
N GLU A 131 -4.48 3.60 14.25
CA GLU A 131 -5.67 2.82 14.57
C GLU A 131 -6.89 3.30 13.81
N PHE A 132 -7.80 2.42 13.49
CA PHE A 132 -9.06 2.85 12.93
C PHE A 132 -10.13 1.92 13.50
N THR A 133 -11.35 2.41 13.48
CA THR A 133 -12.50 1.60 13.87
C THR A 133 -13.48 1.43 12.73
N VAL A 134 -14.00 0.22 12.56
CA VAL A 134 -15.02 -0.05 11.56
C VAL A 134 -16.33 0.49 12.09
N SER A 135 -16.65 1.74 11.68
CA SER A 135 -17.73 2.47 12.29
C SER A 135 -19.11 2.17 11.74
N ASP A 136 -19.16 1.31 10.74
CA ASP A 136 -20.41 0.91 10.10
C ASP A 136 -20.55 -0.60 10.19
N GLN A 137 -21.35 -1.23 9.32
CA GLN A 137 -21.62 -2.67 9.44
C GLN A 137 -20.88 -3.49 8.39
N GLU A 138 -19.78 -2.98 7.85
CA GLU A 138 -19.00 -3.73 6.87
C GLU A 138 -18.13 -4.83 7.45
N THR A 139 -17.92 -5.87 6.67
CA THR A 139 -17.05 -6.97 7.01
C THR A 139 -15.91 -7.14 6.04
N VAL A 140 -15.95 -6.59 4.88
CA VAL A 140 -14.90 -6.75 3.89
C VAL A 140 -14.57 -5.34 3.38
N ILE A 141 -13.42 -4.86 3.81
CA ILE A 141 -13.02 -3.48 3.48
C ILE A 141 -11.74 -3.48 2.67
N ARG A 142 -11.09 -2.35 2.53
CA ARG A 142 -9.95 -2.17 1.67
C ARG A 142 -9.01 -1.15 2.27
N ALA A 143 -7.75 -1.22 1.83
CA ALA A 143 -6.74 -0.35 2.36
C ALA A 143 -5.89 0.33 1.27
N PRO A 144 -6.44 1.41 0.73
CA PRO A 144 -5.71 2.15 -0.31
C PRO A 144 -4.51 2.95 0.17
N ILE A 145 -3.37 2.70 -0.46
CA ILE A 145 -2.16 3.46 -0.30
C ILE A 145 -2.01 4.36 -1.54
N HIS A 146 -1.90 5.67 -1.30
CA HIS A 146 -1.80 6.64 -2.38
C HIS A 146 -0.35 7.11 -2.58
N PHE A 147 0.16 7.00 -3.81
CA PHE A 147 1.53 7.29 -4.16
C PHE A 147 1.69 8.45 -5.16
N GLY A 148 0.61 8.96 -5.71
CA GLY A 148 0.73 9.91 -6.81
C GLY A 148 1.00 11.34 -6.45
N TYR A 149 1.81 11.59 -5.46
CA TYR A 149 2.22 12.92 -5.05
C TYR A 149 3.33 13.41 -5.96
N ALA A 150 3.27 14.68 -6.36
CA ALA A 150 4.24 15.26 -7.25
C ALA A 150 5.66 15.16 -6.74
N ALA A 151 5.84 15.21 -5.42
CA ALA A 151 7.15 15.12 -4.82
C ALA A 151 7.81 13.75 -5.02
N ASN A 152 7.05 12.77 -5.45
CA ASN A 152 7.58 11.43 -5.68
C ASN A 152 8.10 11.19 -7.09
N VAL A 153 7.93 12.15 -8.01
CA VAL A 153 8.48 12.01 -9.35
C VAL A 153 9.98 11.82 -9.27
N GLY A 154 10.47 10.77 -9.91
CA GLY A 154 11.90 10.45 -9.87
C GLY A 154 12.34 9.54 -8.73
N ASN A 155 11.38 9.09 -7.93
CA ASN A 155 11.62 8.22 -6.80
C ASN A 155 10.99 6.85 -6.99
N THR A 156 11.42 5.94 -6.15
CA THR A 156 10.80 4.63 -5.98
C THR A 156 10.46 4.49 -4.50
N ILE A 157 9.24 4.14 -4.23
CA ILE A 157 8.77 3.89 -2.86
C ILE A 157 8.63 2.39 -2.69
N TYR A 158 9.18 1.87 -1.60
CA TYR A 158 9.16 0.47 -1.27
C TYR A 158 8.25 0.27 -0.06
N ILE A 159 7.36 -0.69 -0.17
CA ILE A 159 6.50 -1.03 0.97
C ILE A 159 6.62 -2.53 1.25
N ASP A 160 6.38 -2.87 2.52
CA ASP A 160 6.36 -4.26 2.94
C ASP A 160 5.62 -4.40 4.26
N GLY A 161 5.19 -5.62 4.55
CA GLY A 161 4.76 -5.93 5.91
C GLY A 161 3.52 -5.23 6.36
N LEU A 162 2.54 -5.10 5.49
CA LEU A 162 1.24 -4.58 5.92
C LEU A 162 0.60 -5.61 6.85
N ALA A 163 0.25 -5.21 8.05
CA ALA A 163 -0.52 -6.04 8.99
C ALA A 163 -1.63 -5.19 9.60
N ILE A 164 -2.86 -5.66 9.41
CA ILE A 164 -4.02 -5.01 10.05
C ILE A 164 -4.55 -6.04 11.03
N VAL A 165 -4.48 -5.65 12.31
CA VAL A 165 -4.57 -6.51 13.46
CA VAL A 165 -4.77 -6.64 13.34
C VAL A 165 -5.72 -6.05 14.37
N ASP A 166 -6.57 -7.01 14.69
N ASP A 166 -6.50 -6.93 15.04
CA ASP A 166 -7.73 -6.85 15.57
CA ASP A 166 -7.37 -6.44 16.10
C ASP A 166 -7.24 -6.46 16.95
C ASP A 166 -6.52 -5.71 17.17
N LEU A 167 -7.59 -5.24 17.39
N LEU A 167 -6.97 -4.52 17.56
CA LEU A 167 -6.96 -4.78 18.61
CA LEU A 167 -6.21 -3.70 18.49
C LEU A 167 -7.41 -5.60 19.81
C LEU A 167 -5.84 -4.46 19.76
#